data_6M94
#
_entry.id   6M94
#
_cell.length_a   82.370
_cell.length_b   82.370
_cell.length_c   112.890
_cell.angle_alpha   90.000
_cell.angle_beta   90.000
_cell.angle_gamma   120.000
#
_symmetry.space_group_name_H-M   'P 31'
#
loop_
_entity.id
_entity.type
_entity.pdbx_description
1 polymer 'F-box/WD repeat-containing protein 1A'
2 polymer 'S-phase kinase-associated protein 1'
3 polymer 'Catenin beta-1'
4 non-polymer 'PHOSPHATE ION'
5 non-polymer 'DIMETHYL SULFOXIDE'
#
loop_
_entity_poly.entity_id
_entity_poly.type
_entity_poly.pdbx_seq_one_letter_code
_entity_poly.pdbx_strand_id
1 'polypeptide(L)'
;SMLQRDFITALPARGLDHIAENILSYLDAKSLCAAELVCKEWYRVTSDGMLWKKLIERMVRTDSLWRGLAERRGWGQYLF
KNKPPDGNAPPNSFYRALYPKIIQDIETIESNWRCGRHSLQRIHCRSETSKGVYCLQYDDQKIVSGLRDNTIKIWDKNTL
ECKRILTGHTGSVLCLQYDERVIITGSSDSTVRVWDVNTGEMLNTLIHHCEAVLHLRFNNGMMVTCSKDRSIAVWDMASP
TDITLRRVLVGHRAAVNVVDFDDKYIVSASGDRTIKVWNTSTCEFVRTLNGHKRGIACLQYRDRLVVSGSSDNTIRLWDI
ECGACLRVLEGHEELVRCIRFDNKRIVSGAYDGKIKVWDLVAALDPRAPAGTLCLRTLVEHSGRVFRLQFDEFQIVSSSH
DDTILIWDFLNDPAAQAEPPRSPSRTYTYISR
;
A
2 'polypeptide(L)'
;PSIKLQSSDGEIFEVDVEIAKQSVTIKTMLEDLGMDPVPLPNVNAAILKKVIQWCTHHKDDPPDDIPVWDQEFLKVDQGT
LFELILAANYLDIKGLLDVTCKTVANMIKGKTPEEIRKTFNIKNDFTEEEEAQVRKENQWCEEK
;
B
3 'polypeptide(L)' CDRKAAVSHWQQQSYLD(SEP)GIHSGATTTAPSLSG C
#
# COMPACT_ATOMS: atom_id res chain seq x y z
N SER A 1 -11.06 -25.78 -35.19
CA SER A 1 -10.41 -25.37 -33.95
C SER A 1 -9.03 -26.01 -33.81
N MET A 2 -7.99 -25.21 -34.03
CA MET A 2 -6.62 -25.74 -33.97
C MET A 2 -6.24 -26.08 -32.53
N LEU A 3 -5.47 -27.14 -32.38
CA LEU A 3 -5.08 -27.60 -31.04
C LEU A 3 -4.12 -26.62 -30.39
N GLN A 4 -3.14 -26.12 -31.13
CA GLN A 4 -2.14 -25.20 -30.62
C GLN A 4 -2.11 -23.94 -31.48
N ARG A 5 -1.65 -22.84 -30.86
CA ARG A 5 -1.58 -21.56 -31.53
C ARG A 5 -0.50 -20.72 -30.86
N ASP A 6 0.23 -19.95 -31.66
CA ASP A 6 1.27 -19.05 -31.16
C ASP A 6 0.69 -17.65 -31.08
N PHE A 7 0.12 -17.33 -29.92
CA PHE A 7 -0.54 -16.04 -29.73
C PHE A 7 0.43 -14.88 -29.98
N ILE A 8 1.61 -14.95 -29.36
CA ILE A 8 2.57 -13.85 -29.45
C ILE A 8 3.11 -13.66 -30.86
N THR A 9 2.98 -14.66 -31.73
CA THR A 9 3.34 -14.51 -33.14
C THR A 9 2.12 -14.24 -34.02
N ALA A 10 1.00 -14.89 -33.73
CA ALA A 10 -0.19 -14.75 -34.58
C ALA A 10 -0.78 -13.35 -34.45
N LEU A 11 -0.90 -12.83 -33.23
CA LEU A 11 -1.51 -11.51 -33.05
C LEU A 11 -0.75 -10.40 -33.75
N PRO A 12 0.57 -10.25 -33.58
CA PRO A 12 1.28 -9.21 -34.35
C PRO A 12 1.19 -9.41 -35.85
N ALA A 13 1.18 -10.67 -36.31
CA ALA A 13 1.01 -10.94 -37.73
C ALA A 13 -0.34 -10.47 -38.26
N ARG A 14 -1.32 -10.29 -37.37
CA ARG A 14 -2.64 -9.81 -37.75
C ARG A 14 -2.89 -8.37 -37.27
N GLY A 15 -1.83 -7.58 -37.19
CA GLY A 15 -1.95 -6.17 -36.87
C GLY A 15 -2.38 -5.89 -35.45
N LEU A 16 -2.39 -6.92 -34.61
CA LEU A 16 -2.82 -6.76 -33.23
C LEU A 16 -1.64 -6.90 -32.27
N ASP A 17 -0.63 -6.03 -32.44
CA ASP A 17 0.53 -6.08 -31.56
C ASP A 17 0.16 -5.74 -30.13
N HIS A 18 -0.80 -4.83 -29.95
CA HIS A 18 -1.15 -4.36 -28.61
C HIS A 18 -1.68 -5.49 -27.75
N ILE A 19 -2.39 -6.46 -28.34
CA ILE A 19 -2.93 -7.56 -27.55
C ILE A 19 -1.81 -8.48 -27.07
N ALA A 20 -0.86 -8.79 -27.94
CA ALA A 20 0.28 -9.61 -27.53
C ALA A 20 1.10 -8.89 -26.46
N GLU A 21 1.27 -7.57 -26.60
CA GLU A 21 1.99 -6.81 -25.58
C GLU A 21 1.25 -6.82 -24.25
N ASN A 22 -0.08 -6.67 -24.29
CA ASN A 22 -0.86 -6.72 -23.06
C ASN A 22 -0.80 -8.10 -22.42
N ILE A 23 -0.69 -9.15 -23.24
CA ILE A 23 -0.47 -10.49 -22.69
C ILE A 23 0.86 -10.57 -21.98
N LEU A 24 1.93 -10.14 -22.66
CA LEU A 24 3.27 -10.28 -22.08
C LEU A 24 3.46 -9.39 -20.86
N SER A 25 2.69 -8.29 -20.75
CA SER A 25 2.86 -7.37 -19.63
C SER A 25 2.48 -8.00 -18.30
N TYR A 26 1.68 -9.08 -18.31
CA TYR A 26 1.34 -9.77 -17.07
C TYR A 26 2.48 -10.60 -16.52
N LEU A 27 3.52 -10.87 -17.31
CA LEU A 27 4.60 -11.71 -16.87
C LEU A 27 5.44 -11.03 -15.80
N ASP A 28 6.14 -11.85 -15.01
CA ASP A 28 7.14 -11.34 -14.09
C ASP A 28 8.49 -11.24 -14.80
N ALA A 29 9.53 -10.90 -14.05
CA ALA A 29 10.85 -10.70 -14.63
C ALA A 29 11.40 -12.00 -15.21
N LYS A 30 11.34 -13.09 -14.44
CA LYS A 30 11.85 -14.37 -14.91
C LYS A 30 11.05 -14.86 -16.10
N SER A 31 9.72 -14.74 -16.05
CA SER A 31 8.89 -15.15 -17.18
C SER A 31 9.13 -14.28 -18.40
N LEU A 32 9.40 -12.99 -18.21
CA LEU A 32 9.69 -12.13 -19.35
C LEU A 32 11.04 -12.48 -19.98
N CYS A 33 12.02 -12.82 -19.14
CA CYS A 33 13.30 -13.28 -19.67
C CYS A 33 13.14 -14.59 -20.44
N ALA A 34 12.30 -15.49 -19.92
CA ALA A 34 12.04 -16.74 -20.63
C ALA A 34 11.33 -16.49 -21.95
N ALA A 35 10.38 -15.56 -21.97
CA ALA A 35 9.69 -15.20 -23.21
C ALA A 35 10.65 -14.57 -24.21
N GLU A 36 11.66 -13.84 -23.72
CA GLU A 36 12.68 -13.30 -24.63
C GLU A 36 13.44 -14.40 -25.34
N LEU A 37 13.52 -15.59 -24.74
CA LEU A 37 14.31 -16.70 -25.25
C LEU A 37 13.47 -17.78 -25.92
N VAL A 38 12.18 -17.52 -26.17
CA VAL A 38 11.35 -18.52 -26.83
C VAL A 38 11.68 -18.59 -28.31
N CYS A 39 11.60 -17.46 -29.00
CA CYS A 39 11.97 -17.37 -30.41
C CYS A 39 12.27 -15.91 -30.73
N LYS A 40 12.72 -15.67 -31.97
CA LYS A 40 13.09 -14.33 -32.37
C LYS A 40 11.89 -13.39 -32.37
N GLU A 41 10.70 -13.89 -32.72
CA GLU A 41 9.54 -13.02 -32.80
C GLU A 41 9.04 -12.60 -31.42
N TRP A 42 9.10 -13.51 -30.44
CA TRP A 42 8.76 -13.12 -29.07
C TRP A 42 9.71 -12.06 -28.54
N TYR A 43 11.01 -12.23 -28.80
CA TYR A 43 11.98 -11.21 -28.43
C TYR A 43 11.66 -9.89 -29.10
N ARG A 44 11.26 -9.93 -30.37
CA ARG A 44 10.90 -8.70 -31.07
C ARG A 44 9.70 -8.03 -30.43
N VAL A 45 8.69 -8.82 -30.05
CA VAL A 45 7.50 -8.27 -29.40
C VAL A 45 7.87 -7.62 -28.09
N THR A 46 8.74 -8.26 -27.30
CA THR A 46 9.14 -7.68 -26.03
C THR A 46 9.94 -6.40 -26.24
N SER A 47 10.83 -6.37 -27.23
CA SER A 47 11.70 -5.23 -27.42
C SER A 47 10.93 -4.03 -27.98
N ASP A 48 10.25 -4.22 -29.11
CA ASP A 48 9.46 -3.12 -29.69
C ASP A 48 8.28 -2.75 -28.82
N GLY A 49 7.84 -3.64 -27.92
CA GLY A 49 6.77 -3.34 -27.00
C GLY A 49 7.19 -2.65 -25.73
N MET A 50 8.50 -2.47 -25.51
CA MET A 50 9.02 -1.84 -24.31
C MET A 50 8.50 -2.54 -23.06
N LEU A 51 8.55 -3.87 -23.08
CA LEU A 51 7.97 -4.66 -21.98
C LEU A 51 8.73 -4.44 -20.67
N TRP A 52 10.04 -4.14 -20.74
CA TRP A 52 10.78 -3.88 -19.52
C TRP A 52 10.43 -2.51 -18.94
N LYS A 53 10.31 -1.49 -19.80
CA LYS A 53 9.86 -0.19 -19.34
C LYS A 53 8.46 -0.26 -18.77
N LYS A 54 7.58 -1.04 -19.41
CA LYS A 54 6.22 -1.19 -18.90
C LYS A 54 6.20 -1.95 -17.58
N LEU A 55 7.08 -2.95 -17.43
CA LEU A 55 7.17 -3.67 -16.17
C LEU A 55 7.64 -2.76 -15.04
N ILE A 56 8.66 -1.94 -15.31
CA ILE A 56 9.14 -0.99 -14.30
C ILE A 56 8.06 0.03 -13.97
N GLU A 57 7.32 0.48 -14.98
CA GLU A 57 6.24 1.43 -14.73
C GLU A 57 5.15 0.83 -13.87
N ARG A 58 4.80 -0.44 -14.12
CA ARG A 58 3.80 -1.09 -13.29
C ARG A 58 4.31 -1.30 -11.86
N MET A 59 5.58 -1.65 -11.72
CA MET A 59 6.17 -1.79 -10.39
C MET A 59 6.10 -0.47 -9.63
N VAL A 60 6.41 0.64 -10.30
CA VAL A 60 6.30 1.94 -9.65
C VAL A 60 4.86 2.24 -9.28
N ARG A 61 3.93 1.99 -10.21
CA ARG A 61 2.52 2.29 -9.95
C ARG A 61 1.95 1.46 -8.82
N THR A 62 2.51 0.27 -8.56
CA THR A 62 1.95 -0.63 -7.58
C THR A 62 2.76 -0.77 -6.30
N ASP A 63 4.06 -0.48 -6.33
CA ASP A 63 4.93 -0.63 -5.16
C ASP A 63 5.44 0.73 -4.72
N SER A 64 5.35 1.01 -3.41
CA SER A 64 5.88 2.26 -2.88
C SER A 64 7.40 2.24 -2.82
N LEU A 65 8.00 1.06 -2.64
CA LEU A 65 9.46 0.97 -2.64
C LEU A 65 10.03 1.34 -4.01
N TRP A 66 9.43 0.81 -5.08
CA TRP A 66 9.86 1.17 -6.42
C TRP A 66 9.57 2.64 -6.72
N ARG A 67 8.47 3.17 -6.19
CA ARG A 67 8.21 4.61 -6.30
C ARG A 67 9.33 5.42 -5.68
N GLY A 68 9.71 5.08 -4.45
CA GLY A 68 10.76 5.81 -3.77
C GLY A 68 12.11 5.69 -4.47
N LEU A 69 12.41 4.49 -5.00
CA LEU A 69 13.66 4.33 -5.73
C LEU A 69 13.66 5.14 -7.01
N ALA A 70 12.52 5.19 -7.71
CA ALA A 70 12.43 6.00 -8.92
C ALA A 70 12.59 7.48 -8.60
N GLU A 71 12.02 7.92 -7.48
CA GLU A 71 12.09 9.34 -7.13
C GLU A 71 13.46 9.73 -6.58
N ARG A 72 14.17 8.81 -5.92
CA ARG A 72 15.44 9.14 -5.28
C ARG A 72 16.63 8.89 -6.20
N ARG A 73 16.71 7.70 -6.80
CA ARG A 73 17.86 7.37 -7.63
C ARG A 73 17.91 8.26 -8.88
N GLY A 74 16.75 8.54 -9.47
CA GLY A 74 16.65 9.45 -10.59
C GLY A 74 16.18 8.81 -11.88
N TRP A 75 16.20 7.47 -11.96
CA TRP A 75 15.76 6.81 -13.19
C TRP A 75 14.25 6.91 -13.39
N GLY A 76 13.49 7.42 -12.42
CA GLY A 76 12.08 7.63 -12.61
C GLY A 76 11.75 8.72 -13.62
N GLN A 77 12.73 9.55 -13.96
CA GLN A 77 12.51 10.60 -14.95
C GLN A 77 12.33 10.05 -16.36
N TYR A 78 12.83 8.85 -16.63
CA TYR A 78 12.66 8.23 -17.95
C TYR A 78 11.31 7.58 -18.12
N LEU A 79 10.61 7.28 -17.02
CA LEU A 79 9.31 6.63 -17.11
C LEU A 79 8.23 7.63 -17.51
N PHE A 80 7.14 7.10 -18.04
CA PHE A 80 5.99 7.89 -18.48
C PHE A 80 6.39 8.95 -19.50
N PRO A 90 15.62 6.78 -24.69
CA PRO A 90 15.97 5.59 -23.91
C PRO A 90 15.41 4.30 -24.52
N PRO A 91 16.29 3.42 -24.98
CA PRO A 91 15.85 2.19 -25.64
C PRO A 91 15.40 1.14 -24.62
N ASN A 92 14.90 0.02 -25.15
CA ASN A 92 14.42 -1.06 -24.29
C ASN A 92 15.57 -1.75 -23.57
N SER A 93 16.74 -1.82 -24.20
CA SER A 93 17.90 -2.42 -23.54
C SER A 93 18.27 -1.65 -22.28
N PHE A 94 18.05 -0.34 -22.26
CA PHE A 94 18.32 0.45 -21.06
C PHE A 94 17.51 -0.06 -19.88
N TYR A 95 16.20 -0.25 -20.08
CA TYR A 95 15.36 -0.75 -18.99
C TYR A 95 15.67 -2.19 -18.66
N ARG A 96 16.00 -3.00 -19.68
CA ARG A 96 16.37 -4.39 -19.44
C ARG A 96 17.59 -4.49 -18.53
N ALA A 97 18.56 -3.59 -18.74
CA ALA A 97 19.75 -3.58 -17.88
C ALA A 97 19.51 -2.85 -16.56
N LEU A 98 18.51 -1.97 -16.51
CA LEU A 98 18.23 -1.24 -15.28
C LEU A 98 17.50 -2.10 -14.25
N TYR A 99 16.64 -3.01 -14.70
CA TYR A 99 15.89 -3.86 -13.76
C TYR A 99 16.78 -4.62 -12.78
N PRO A 100 17.81 -5.36 -13.20
CA PRO A 100 18.63 -6.08 -12.20
C PRO A 100 19.37 -5.17 -11.26
N LYS A 101 19.75 -3.96 -11.71
CA LYS A 101 20.35 -3.00 -10.80
C LYS A 101 19.37 -2.60 -9.69
N ILE A 102 18.10 -2.42 -10.04
CA ILE A 102 17.08 -2.10 -9.04
C ILE A 102 16.91 -3.26 -8.08
N ILE A 103 16.93 -4.50 -8.60
CA ILE A 103 16.79 -5.66 -7.72
C ILE A 103 17.95 -5.74 -6.74
N GLN A 104 19.18 -5.52 -7.24
CA GLN A 104 20.34 -5.54 -6.37
C GLN A 104 20.29 -4.42 -5.33
N ASP A 105 19.79 -3.24 -5.73
CA ASP A 105 19.66 -2.14 -4.79
C ASP A 105 18.66 -2.47 -3.69
N ILE A 106 17.53 -3.09 -4.04
CA ILE A 106 16.56 -3.50 -3.05
C ILE A 106 17.16 -4.55 -2.11
N GLU A 107 17.94 -5.48 -2.66
CA GLU A 107 18.59 -6.48 -1.83
C GLU A 107 19.55 -5.84 -0.85
N THR A 108 20.32 -4.86 -1.30
CA THR A 108 21.26 -4.17 -0.40
C THR A 108 20.52 -3.38 0.67
N ILE A 109 19.39 -2.78 0.31
CA ILE A 109 18.61 -2.04 1.30
C ILE A 109 18.04 -2.99 2.36
N GLU A 110 17.57 -4.16 1.93
CA GLU A 110 17.07 -5.15 2.90
C GLU A 110 18.20 -5.64 3.80
N SER A 111 19.39 -5.84 3.23
CA SER A 111 20.53 -6.25 4.05
C SER A 111 20.92 -5.16 5.04
N ASN A 112 20.81 -3.89 4.63
CA ASN A 112 21.10 -2.79 5.53
C ASN A 112 20.10 -2.74 6.67
N TRP A 113 18.82 -2.95 6.38
CA TRP A 113 17.81 -3.00 7.43
C TRP A 113 18.07 -4.18 8.38
N ARG A 114 18.51 -5.32 7.84
CA ARG A 114 18.69 -6.50 8.66
C ARG A 114 19.96 -6.42 9.52
N CYS A 115 21.00 -5.75 9.03
CA CYS A 115 22.30 -5.71 9.71
C CYS A 115 22.52 -4.40 10.45
N GLY A 116 21.53 -3.51 10.50
CA GLY A 116 21.70 -2.24 11.17
C GLY A 116 22.60 -1.25 10.46
N ARG A 117 23.04 -1.56 9.25
CA ARG A 117 23.87 -0.63 8.48
C ARG A 117 23.03 0.57 8.07
N HIS A 118 23.44 1.75 8.50
CA HIS A 118 22.66 2.96 8.27
C HIS A 118 23.53 4.18 8.50
N SER A 119 23.06 5.32 8.00
CA SER A 119 23.62 6.62 8.32
C SER A 119 22.66 7.37 9.24
N LEU A 120 23.20 8.33 9.98
CA LEU A 120 22.43 9.01 11.02
C LEU A 120 22.54 10.51 10.86
N GLN A 121 21.40 11.19 11.01
CA GLN A 121 21.33 12.64 11.11
C GLN A 121 20.69 12.99 12.44
N ARG A 122 21.32 13.88 13.19
CA ARG A 122 20.87 14.26 14.52
C ARG A 122 20.50 15.75 14.53
N ILE A 123 19.26 16.04 14.93
CA ILE A 123 18.76 17.40 15.02
C ILE A 123 18.62 17.73 16.50
N HIS A 124 19.51 18.58 17.01
CA HIS A 124 19.38 19.11 18.37
C HIS A 124 18.33 20.21 18.34
N CYS A 125 17.17 19.94 18.94
CA CYS A 125 16.10 20.93 18.96
C CYS A 125 16.50 22.19 19.74
N ARG A 126 17.51 22.09 20.59
CA ARG A 126 18.02 23.23 21.36
C ARG A 126 16.90 23.88 22.16
N SER A 127 16.03 23.06 22.73
CA SER A 127 14.92 23.56 23.51
C SER A 127 15.45 24.36 24.71
N GLU A 128 14.83 25.52 24.95
CA GLU A 128 15.38 26.47 25.91
C GLU A 128 15.28 25.95 27.33
N THR A 129 14.12 25.41 27.72
CA THR A 129 13.89 25.01 29.09
C THR A 129 13.60 23.52 29.21
N SER A 130 12.32 23.16 29.19
CA SER A 130 11.89 21.77 29.36
C SER A 130 12.16 21.02 28.07
N LYS A 131 13.21 20.21 28.06
CA LYS A 131 13.59 19.48 26.86
C LYS A 131 12.62 18.35 26.58
N GLY A 132 12.56 17.94 25.31
CA GLY A 132 11.72 16.81 24.92
C GLY A 132 10.88 17.06 23.69
N VAL A 133 10.72 16.02 22.86
CA VAL A 133 9.89 16.06 21.67
C VAL A 133 8.92 14.89 21.76
N TYR A 134 7.63 15.19 21.95
CA TYR A 134 6.65 14.13 22.19
C TYR A 134 6.18 13.48 20.89
N CYS A 135 6.00 14.27 19.84
CA CYS A 135 5.35 13.77 18.63
C CYS A 135 6.02 14.36 17.40
N LEU A 136 5.81 13.71 16.26
CA LEU A 136 6.40 14.16 15.00
C LEU A 136 5.64 13.55 13.84
N GLN A 137 5.85 14.14 12.67
CA GLN A 137 5.38 13.61 11.40
C GLN A 137 6.17 14.29 10.29
N TYR A 138 6.62 13.51 9.31
CA TYR A 138 7.54 14.02 8.30
C TYR A 138 7.09 13.62 6.90
N ASP A 139 7.70 14.27 5.91
CA ASP A 139 7.53 13.92 4.51
C ASP A 139 8.87 14.17 3.81
N ASP A 140 8.85 14.23 2.47
CA ASP A 140 10.06 14.48 1.71
C ASP A 140 10.57 15.90 1.84
N GLN A 141 9.80 16.80 2.46
CA GLN A 141 10.14 18.21 2.49
C GLN A 141 10.31 18.78 3.89
N LYS A 142 9.57 18.29 4.88
CA LYS A 142 9.58 18.92 6.20
C LYS A 142 9.40 17.88 7.28
N ILE A 143 9.67 18.29 8.52
CA ILE A 143 9.45 17.50 9.72
C ILE A 143 8.77 18.39 10.73
N VAL A 144 7.50 18.10 11.02
CA VAL A 144 6.73 18.84 12.02
C VAL A 144 6.78 18.08 13.33
N SER A 145 7.12 18.78 14.41
CA SER A 145 7.30 18.14 15.71
C SER A 145 6.67 18.98 16.80
N GLY A 146 6.16 18.30 17.82
CA GLY A 146 5.62 18.94 19.01
C GLY A 146 6.56 18.73 20.18
N LEU A 147 6.94 19.83 20.82
CA LEU A 147 7.95 19.82 21.87
C LEU A 147 7.31 20.06 23.23
N ARG A 148 8.09 19.78 24.28
CA ARG A 148 7.62 19.99 25.64
C ARG A 148 7.61 21.47 26.03
N ASP A 149 8.28 22.33 25.27
CA ASP A 149 8.27 23.77 25.51
C ASP A 149 7.01 24.45 24.98
N ASN A 150 5.95 23.67 24.74
CA ASN A 150 4.64 24.13 24.29
C ASN A 150 4.66 24.67 22.86
N THR A 151 5.74 24.47 22.12
CA THR A 151 5.85 24.98 20.76
C THR A 151 5.81 23.84 19.75
N ILE A 152 5.55 24.21 18.50
CA ILE A 152 5.53 23.29 17.37
C ILE A 152 6.63 23.73 16.42
N LYS A 153 7.66 22.89 16.28
CA LYS A 153 8.82 23.21 15.46
C LYS A 153 8.71 22.49 14.12
N ILE A 154 8.79 23.25 13.04
CA ILE A 154 8.76 22.72 11.68
C ILE A 154 10.15 22.91 11.10
N TRP A 155 10.86 21.79 10.90
CA TRP A 155 12.21 21.76 10.38
C TRP A 155 12.20 21.35 8.91
N ASP A 156 13.27 21.72 8.21
CA ASP A 156 13.45 21.30 6.83
C ASP A 156 14.00 19.88 6.78
N LYS A 157 13.43 19.06 5.91
CA LYS A 157 13.88 17.67 5.79
C LYS A 157 15.30 17.58 5.27
N ASN A 158 15.75 18.56 4.48
CA ASN A 158 17.05 18.50 3.83
C ASN A 158 18.11 19.24 4.63
N THR A 159 17.88 20.53 4.90
CA THR A 159 18.86 21.37 5.60
C THR A 159 18.80 21.21 7.11
N LEU A 160 17.75 20.58 7.65
CA LEU A 160 17.65 20.30 9.08
C LEU A 160 17.47 21.57 9.90
N GLU A 161 17.44 22.72 9.22
CA GLU A 161 17.27 23.99 9.92
C GLU A 161 15.82 24.17 10.35
N CYS A 162 15.64 24.93 11.42
CA CYS A 162 14.30 25.21 11.95
C CYS A 162 13.63 26.25 11.08
N LYS A 163 12.62 25.84 10.32
CA LYS A 163 11.94 26.73 9.39
C LYS A 163 10.81 27.51 10.04
N ARG A 164 10.12 26.94 11.03
CA ARG A 164 9.01 27.63 11.65
C ARG A 164 8.85 27.19 13.10
N ILE A 165 8.30 28.10 13.91
CA ILE A 165 7.99 27.83 15.32
C ILE A 165 6.60 28.39 15.59
N LEU A 166 5.70 27.54 16.09
CA LEU A 166 4.32 27.92 16.38
C LEU A 166 4.09 27.89 17.87
N THR A 167 3.55 28.97 18.42
CA THR A 167 3.22 29.08 19.82
C THR A 167 1.73 29.30 19.98
N GLY A 168 1.19 28.81 21.10
CA GLY A 168 -0.24 28.93 21.36
C GLY A 168 -0.71 28.02 22.48
N HIS A 169 -0.15 26.81 22.53
CA HIS A 169 -0.51 25.88 23.60
C HIS A 169 0.12 26.32 24.91
N THR A 170 -0.62 26.17 26.01
CA THR A 170 -0.12 26.43 27.34
C THR A 170 0.36 25.15 28.03
N GLY A 171 0.64 24.11 27.25
CA GLY A 171 1.15 22.86 27.79
C GLY A 171 1.97 22.15 26.72
N SER A 172 2.53 21.00 27.09
CA SER A 172 3.37 20.25 26.18
C SER A 172 2.55 19.70 25.01
N VAL A 173 3.01 19.95 23.79
CA VAL A 173 2.36 19.41 22.60
C VAL A 173 2.62 17.91 22.53
N LEU A 174 1.61 17.11 22.88
CA LEU A 174 1.79 15.68 23.04
C LEU A 174 1.57 14.90 21.74
N CYS A 175 0.66 15.34 20.89
CA CYS A 175 0.32 14.62 19.68
C CYS A 175 0.02 15.60 18.57
N LEU A 176 0.32 15.19 17.32
CA LEU A 176 0.01 16.03 16.18
C LEU A 176 -0.24 15.16 14.96
N GLN A 177 -0.87 15.77 13.96
CA GLN A 177 -1.02 15.17 12.64
C GLN A 177 -1.33 16.27 11.65
N TYR A 178 -0.64 16.26 10.51
CA TYR A 178 -0.86 17.25 9.48
C TYR A 178 -1.09 16.54 8.14
N ASP A 179 -1.80 17.23 7.26
CA ASP A 179 -2.02 16.74 5.90
C ASP A 179 -1.56 17.83 4.93
N GLU A 180 -2.07 17.79 3.71
CA GLU A 180 -1.75 18.82 2.73
C GLU A 180 -2.52 20.11 2.96
N ARG A 181 -3.16 20.29 4.12
CA ARG A 181 -4.00 21.45 4.35
C ARG A 181 -3.73 22.10 5.70
N VAL A 182 -3.82 21.34 6.79
CA VAL A 182 -3.74 21.89 8.14
C VAL A 182 -2.94 20.96 9.03
N ILE A 183 -2.59 21.47 10.21
CA ILE A 183 -1.98 20.70 11.29
C ILE A 183 -2.96 20.71 12.46
N ILE A 184 -3.05 19.58 13.16
CA ILE A 184 -3.93 19.47 14.33
C ILE A 184 -3.11 18.89 15.48
N THR A 185 -3.13 19.58 16.62
CA THR A 185 -2.28 19.24 17.74
C THR A 185 -3.09 19.14 19.02
N GLY A 186 -2.75 18.15 19.85
CA GLY A 186 -3.27 18.03 21.19
C GLY A 186 -2.14 18.26 22.18
N SER A 187 -2.48 18.81 23.35
CA SER A 187 -1.47 19.23 24.31
C SER A 187 -1.96 18.96 25.72
N SER A 188 -1.07 19.19 26.69
CA SER A 188 -1.40 19.06 28.10
C SER A 188 -2.40 20.11 28.56
N ASP A 189 -2.64 21.16 27.78
CA ASP A 189 -3.57 22.22 28.13
C ASP A 189 -5.03 21.82 27.92
N SER A 190 -5.29 20.56 27.58
CA SER A 190 -6.63 20.00 27.36
C SER A 190 -7.32 20.56 26.13
N THR A 191 -6.61 21.28 25.27
CA THR A 191 -7.17 21.88 24.08
C THR A 191 -6.72 21.13 22.83
N VAL A 192 -7.46 21.32 21.74
CA VAL A 192 -7.08 20.78 20.44
C VAL A 192 -6.97 21.95 19.47
N ARG A 193 -5.77 22.23 18.99
CA ARG A 193 -5.49 23.40 18.17
C ARG A 193 -5.32 23.00 16.71
N VAL A 194 -5.95 23.76 15.81
CA VAL A 194 -5.85 23.56 14.36
C VAL A 194 -5.16 24.77 13.77
N TRP A 195 -4.02 24.52 13.12
CA TRP A 195 -3.17 25.54 12.53
C TRP A 195 -3.09 25.34 11.02
N ASP A 196 -2.70 26.40 10.32
CA ASP A 196 -2.44 26.32 8.89
C ASP A 196 -1.10 25.61 8.65
N VAL A 197 -1.10 24.64 7.73
CA VAL A 197 0.11 23.87 7.47
C VAL A 197 1.13 24.69 6.69
N ASN A 198 0.71 25.77 6.04
CA ASN A 198 1.60 26.55 5.19
C ASN A 198 2.14 27.79 5.90
N THR A 199 1.25 28.62 6.47
CA THR A 199 1.67 29.84 7.14
C THR A 199 1.84 29.68 8.64
N GLY A 200 1.15 28.72 9.25
CA GLY A 200 1.28 28.47 10.67
C GLY A 200 0.29 29.22 11.54
N GLU A 201 -0.69 29.91 10.97
CA GLU A 201 -1.66 30.64 11.75
C GLU A 201 -2.59 29.69 12.49
N MET A 202 -2.91 30.03 13.74
CA MET A 202 -3.77 29.21 14.58
C MET A 202 -5.21 29.47 14.16
N LEU A 203 -5.81 28.52 13.43
CA LEU A 203 -7.13 28.73 12.87
C LEU A 203 -8.24 28.43 13.88
N ASN A 204 -8.09 27.37 14.67
CA ASN A 204 -9.20 26.96 15.52
C ASN A 204 -8.68 26.37 16.83
N THR A 205 -9.53 26.44 17.86
CA THR A 205 -9.26 25.82 19.14
C THR A 205 -10.52 25.10 19.61
N LEU A 206 -10.36 23.86 20.05
CA LEU A 206 -11.45 23.04 20.58
C LEU A 206 -11.23 22.84 22.06
N ILE A 207 -12.19 23.33 22.86
CA ILE A 207 -12.20 23.18 24.31
C ILE A 207 -13.27 22.14 24.64
N HIS A 208 -12.85 20.96 25.08
CA HIS A 208 -13.80 19.90 25.41
C HIS A 208 -13.25 19.00 26.49
N HIS A 209 -12.09 18.41 26.26
CA HIS A 209 -11.51 17.49 27.22
C HIS A 209 -11.13 18.22 28.50
N CYS A 210 -11.36 17.56 29.64
CA CYS A 210 -11.05 18.13 30.93
C CYS A 210 -9.59 17.97 31.32
N GLU A 211 -8.84 17.12 30.61
CA GLU A 211 -7.44 16.88 30.92
C GLU A 211 -6.68 16.78 29.59
N ALA A 212 -5.41 16.40 29.69
CA ALA A 212 -4.50 16.46 28.54
C ALA A 212 -4.98 15.58 27.40
N VAL A 213 -5.08 16.17 26.21
CA VAL A 213 -5.33 15.41 24.99
C VAL A 213 -4.06 14.64 24.65
N LEU A 214 -4.14 13.31 24.71
CA LEU A 214 -2.94 12.49 24.58
C LEU A 214 -2.69 12.00 23.17
N HIS A 215 -3.72 11.86 22.35
CA HIS A 215 -3.54 11.39 20.98
C HIS A 215 -4.73 11.84 20.13
N LEU A 216 -4.49 11.97 18.84
CA LEU A 216 -5.55 12.33 17.90
C LEU A 216 -5.25 11.75 16.53
N ARG A 217 -6.30 11.61 15.73
CA ARG A 217 -6.18 11.12 14.35
C ARG A 217 -7.34 11.68 13.55
N PHE A 218 -7.07 12.03 12.29
CA PHE A 218 -8.11 12.53 11.41
C PHE A 218 -7.77 12.20 9.97
N ASN A 219 -8.81 11.84 9.20
CA ASN A 219 -8.66 11.53 7.78
C ASN A 219 -10.03 11.57 7.13
N ASN A 220 -10.07 12.07 5.90
CA ASN A 220 -11.28 12.10 5.07
C ASN A 220 -12.41 12.93 5.69
N GLY A 221 -12.09 13.86 6.58
CA GLY A 221 -13.07 14.83 7.04
C GLY A 221 -13.56 14.68 8.48
N MET A 222 -13.09 13.68 9.22
CA MET A 222 -13.49 13.52 10.61
C MET A 222 -12.26 13.26 11.46
N MET A 223 -12.38 13.57 12.76
CA MET A 223 -11.27 13.47 13.69
C MET A 223 -11.70 12.71 14.94
N VAL A 224 -10.74 12.02 15.55
CA VAL A 224 -10.94 11.40 16.85
C VAL A 224 -9.83 11.88 17.78
N THR A 225 -10.20 12.21 19.02
CA THR A 225 -9.24 12.59 20.05
C THR A 225 -9.50 11.76 21.29
N CYS A 226 -8.45 11.57 22.09
CA CYS A 226 -8.58 10.84 23.34
C CYS A 226 -7.79 11.57 24.42
N SER A 227 -8.31 11.58 25.64
CA SER A 227 -7.71 12.40 26.67
C SER A 227 -7.48 11.63 27.96
N LYS A 228 -6.71 12.25 28.85
CA LYS A 228 -6.47 11.70 30.18
C LYS A 228 -7.74 11.63 31.01
N ASP A 229 -8.79 12.36 30.62
CA ASP A 229 -10.09 12.30 31.29
C ASP A 229 -10.85 11.00 31.00
N ARG A 230 -10.16 9.97 30.51
CA ARG A 230 -10.74 8.65 30.24
C ARG A 230 -11.80 8.68 29.14
N SER A 231 -11.71 9.62 28.21
CA SER A 231 -12.75 9.81 27.21
C SER A 231 -12.16 9.90 25.81
N ILE A 232 -13.02 9.60 24.83
CA ILE A 232 -12.75 9.78 23.41
C ILE A 232 -13.81 10.73 22.86
N ALA A 233 -13.43 11.50 21.85
CA ALA A 233 -14.33 12.46 21.22
C ALA A 233 -14.21 12.32 19.71
N VAL A 234 -15.35 12.16 19.04
CA VAL A 234 -15.42 12.04 17.59
C VAL A 234 -16.03 13.32 17.05
N TRP A 235 -15.29 14.01 16.18
CA TRP A 235 -15.67 15.30 15.63
C TRP A 235 -15.84 15.19 14.12
N ASP A 236 -16.85 15.88 13.59
CA ASP A 236 -17.05 16.03 12.16
C ASP A 236 -16.44 17.36 11.71
N MET A 237 -15.54 17.30 10.74
CA MET A 237 -14.80 18.47 10.26
C MET A 237 -15.26 18.80 8.85
N ALA A 238 -16.17 19.76 8.74
CA ALA A 238 -16.55 20.27 7.41
C ALA A 238 -15.50 21.22 6.87
N SER A 239 -14.75 21.89 7.74
CA SER A 239 -13.69 22.81 7.35
C SER A 239 -12.74 22.96 8.52
N PRO A 240 -11.52 23.46 8.29
CA PRO A 240 -10.59 23.67 9.40
C PRO A 240 -11.12 24.59 10.49
N THR A 241 -12.12 25.43 10.18
CA THR A 241 -12.70 26.33 11.17
C THR A 241 -14.09 25.89 11.63
N ASP A 242 -14.73 24.95 10.94
CA ASP A 242 -16.05 24.46 11.30
C ASP A 242 -15.89 22.99 11.70
N ILE A 243 -15.58 22.77 12.98
CA ILE A 243 -15.39 21.44 13.54
C ILE A 243 -16.48 21.22 14.58
N THR A 244 -17.36 20.25 14.31
CA THR A 244 -18.49 19.95 15.17
C THR A 244 -18.26 18.62 15.88
N LEU A 245 -18.51 18.59 17.19
CA LEU A 245 -18.41 17.35 17.94
C LEU A 245 -19.58 16.43 17.59
N ARG A 246 -19.27 15.26 17.06
CA ARG A 246 -20.33 14.31 16.73
C ARG A 246 -20.71 13.44 17.92
N ARG A 247 -19.74 12.81 18.57
CA ARG A 247 -20.05 11.87 19.64
C ARG A 247 -18.96 11.90 20.71
N VAL A 248 -19.30 11.38 21.88
CA VAL A 248 -18.38 11.23 23.00
C VAL A 248 -18.42 9.78 23.45
N LEU A 249 -17.27 9.12 23.45
CA LEU A 249 -17.16 7.70 23.78
C LEU A 249 -16.54 7.54 25.16
N VAL A 250 -17.28 6.88 26.05
CA VAL A 250 -16.80 6.54 27.38
C VAL A 250 -16.80 5.02 27.51
N GLY A 251 -16.13 4.53 28.54
CA GLY A 251 -16.02 3.10 28.76
C GLY A 251 -14.67 2.72 29.35
N HIS A 252 -13.63 3.44 28.95
CA HIS A 252 -12.32 3.22 29.53
C HIS A 252 -12.30 3.72 30.97
N ARG A 253 -11.58 2.98 31.83
CA ARG A 253 -11.53 3.28 33.24
C ARG A 253 -10.22 3.95 33.66
N ALA A 254 -9.41 4.36 32.69
CA ALA A 254 -8.19 5.12 32.92
C ALA A 254 -7.94 6.00 31.71
N ALA A 255 -6.78 6.66 31.69
CA ALA A 255 -6.47 7.61 30.63
C ALA A 255 -6.30 6.88 29.30
N VAL A 256 -6.93 7.41 28.25
CA VAL A 256 -6.80 6.86 26.90
C VAL A 256 -5.53 7.45 26.29
N ASN A 257 -4.54 6.59 26.02
CA ASN A 257 -3.22 7.07 25.62
C ASN A 257 -3.06 7.20 24.11
N VAL A 258 -3.82 6.45 23.32
CA VAL A 258 -3.66 6.46 21.87
C VAL A 258 -4.98 6.05 21.23
N VAL A 259 -5.28 6.62 20.07
CA VAL A 259 -6.48 6.31 19.32
C VAL A 259 -6.15 6.30 17.83
N ASP A 260 -6.73 5.35 17.10
CA ASP A 260 -6.55 5.24 15.66
C ASP A 260 -7.81 4.63 15.08
N PHE A 261 -8.05 4.88 13.79
CA PHE A 261 -9.31 4.47 13.18
C PHE A 261 -9.13 4.33 11.67
N ASP A 262 -10.15 3.76 11.05
CA ASP A 262 -10.28 3.74 9.59
C ASP A 262 -11.76 3.81 9.22
N ASP A 263 -12.12 3.26 8.06
CA ASP A 263 -13.52 3.26 7.63
C ASP A 263 -14.35 2.31 8.49
N LYS A 264 -13.75 1.22 8.96
CA LYS A 264 -14.49 0.18 9.68
C LYS A 264 -14.64 0.49 11.17
N TYR A 265 -13.52 0.57 11.88
CA TYR A 265 -13.54 0.65 13.33
C TYR A 265 -12.71 1.81 13.84
N ILE A 266 -12.95 2.17 15.10
CA ILE A 266 -12.13 3.10 15.86
C ILE A 266 -11.47 2.31 16.98
N VAL A 267 -10.14 2.33 17.01
CA VAL A 267 -9.38 1.55 17.98
C VAL A 267 -8.76 2.50 18.99
N SER A 268 -8.97 2.20 20.28
CA SER A 268 -8.40 3.00 21.36
C SER A 268 -7.67 2.09 22.32
N ALA A 269 -6.63 2.64 22.95
CA ALA A 269 -5.86 1.93 23.97
C ALA A 269 -5.66 2.85 25.15
N SER A 270 -5.70 2.28 26.36
CA SER A 270 -5.67 3.08 27.57
C SER A 270 -4.89 2.33 28.66
N GLY A 271 -4.61 3.06 29.74
CA GLY A 271 -3.88 2.49 30.87
C GLY A 271 -4.64 1.42 31.63
N ASP A 272 -5.91 1.18 31.30
CA ASP A 272 -6.71 0.13 31.92
C ASP A 272 -6.41 -1.24 31.33
N ARG A 273 -5.30 -1.38 30.61
CA ARG A 273 -4.81 -2.64 30.03
C ARG A 273 -5.70 -3.22 28.96
N THR A 274 -6.64 -2.44 28.42
CA THR A 274 -7.59 -2.94 27.43
C THR A 274 -7.50 -2.12 26.15
N ILE A 275 -7.69 -2.79 25.03
CA ILE A 275 -7.94 -2.12 23.75
C ILE A 275 -9.44 -2.17 23.49
N LYS A 276 -10.01 -1.08 22.99
CA LYS A 276 -11.43 -1.03 22.72
C LYS A 276 -11.66 -0.74 21.24
N VAL A 277 -12.52 -1.54 20.63
CA VAL A 277 -12.88 -1.41 19.22
C VAL A 277 -14.32 -0.94 19.17
N TRP A 278 -14.54 0.22 18.56
CA TRP A 278 -15.85 0.82 18.39
C TRP A 278 -16.20 0.86 16.91
N ASN A 279 -17.49 0.92 16.62
CA ASN A 279 -17.94 1.07 15.23
C ASN A 279 -17.72 2.51 14.78
N THR A 280 -17.17 2.69 13.59
CA THR A 280 -16.88 4.03 13.11
C THR A 280 -18.15 4.78 12.73
N SER A 281 -19.06 4.12 12.02
CA SER A 281 -20.25 4.81 11.51
C SER A 281 -21.20 5.20 12.63
N THR A 282 -21.51 4.24 13.52
CA THR A 282 -22.48 4.46 14.57
C THR A 282 -21.87 4.86 15.91
N CYS A 283 -20.54 4.87 16.03
CA CYS A 283 -19.84 5.19 17.27
C CYS A 283 -20.29 4.27 18.40
N GLU A 284 -20.57 3.01 18.06
CA GLU A 284 -21.01 2.02 19.02
C GLU A 284 -19.86 1.10 19.40
N PHE A 285 -19.78 0.74 20.68
CA PHE A 285 -18.77 -0.18 21.16
C PHE A 285 -18.96 -1.55 20.51
N VAL A 286 -17.88 -2.10 19.97
CA VAL A 286 -17.92 -3.41 19.32
C VAL A 286 -17.32 -4.48 20.21
N ARG A 287 -16.09 -4.29 20.66
CA ARG A 287 -15.45 -5.35 21.44
C ARG A 287 -14.29 -4.80 22.27
N THR A 288 -13.81 -5.62 23.18
CA THR A 288 -12.67 -5.31 24.04
C THR A 288 -11.60 -6.38 23.87
N LEU A 289 -10.41 -5.97 23.48
CA LEU A 289 -9.24 -6.85 23.40
C LEU A 289 -8.49 -6.78 24.72
N ASN A 290 -8.43 -7.92 25.42
CA ASN A 290 -7.67 -8.05 26.65
C ASN A 290 -6.44 -8.92 26.40
N GLY A 291 -5.42 -8.73 27.23
CA GLY A 291 -4.21 -9.53 27.10
C GLY A 291 -2.97 -8.91 27.72
N HIS A 292 -2.79 -7.61 27.54
CA HIS A 292 -1.62 -6.94 28.09
C HIS A 292 -1.65 -6.95 29.61
N LYS A 293 -0.54 -7.37 30.23
CA LYS A 293 -0.47 -7.43 31.67
C LYS A 293 -0.39 -6.04 32.31
N ARG A 294 0.00 -5.03 31.55
CA ARG A 294 -0.01 -3.65 32.03
C ARG A 294 -0.61 -2.74 30.97
N GLY A 295 -0.57 -1.43 31.20
CA GLY A 295 -1.21 -0.49 30.30
C GLY A 295 -0.51 -0.41 28.96
N ILE A 296 -1.26 0.10 27.99
CA ILE A 296 -0.82 0.18 26.59
C ILE A 296 -0.49 1.64 26.28
N ALA A 297 0.75 1.88 25.83
CA ALA A 297 1.21 3.24 25.62
C ALA A 297 1.18 3.68 24.16
N CYS A 298 1.08 2.74 23.22
CA CYS A 298 1.09 3.07 21.81
C CYS A 298 0.31 2.02 21.04
N LEU A 299 -0.14 2.39 19.84
CA LEU A 299 -0.96 1.52 19.02
C LEU A 299 -1.04 2.07 17.61
N GLN A 300 -1.05 1.15 16.63
CA GLN A 300 -1.37 1.48 15.26
C GLN A 300 -2.32 0.42 14.71
N TYR A 301 -3.33 0.87 13.97
CA TYR A 301 -4.35 -0.02 13.43
C TYR A 301 -4.51 0.24 11.94
N ARG A 302 -4.50 -0.83 11.15
CA ARG A 302 -4.68 -0.73 9.71
C ARG A 302 -5.14 -2.07 9.17
N ASP A 303 -6.05 -2.04 8.20
CA ASP A 303 -6.65 -3.25 7.62
C ASP A 303 -7.32 -4.08 8.70
N ARG A 304 -6.72 -5.24 9.02
CA ARG A 304 -7.20 -6.08 10.11
C ARG A 304 -6.19 -6.20 11.25
N LEU A 305 -5.00 -5.63 11.11
CA LEU A 305 -3.92 -5.79 12.07
C LEU A 305 -3.92 -4.64 13.06
N VAL A 306 -3.86 -4.98 14.35
CA VAL A 306 -3.65 -4.00 15.41
C VAL A 306 -2.35 -4.35 16.12
N VAL A 307 -1.45 -3.38 16.22
CA VAL A 307 -0.17 -3.56 16.89
C VAL A 307 -0.10 -2.57 18.04
N SER A 308 0.21 -3.08 19.24
CA SER A 308 0.19 -2.27 20.45
C SER A 308 1.41 -2.57 21.31
N GLY A 309 2.06 -1.51 21.78
CA GLY A 309 3.16 -1.65 22.73
C GLY A 309 2.71 -1.27 24.12
N SER A 310 3.11 -2.06 25.11
CA SER A 310 2.57 -1.89 26.45
C SER A 310 3.68 -1.70 27.47
N SER A 311 3.25 -1.38 28.70
CA SER A 311 4.18 -1.22 29.81
C SER A 311 4.75 -2.54 30.28
N ASP A 312 4.14 -3.67 29.90
CA ASP A 312 4.71 -4.96 30.22
C ASP A 312 5.90 -5.30 29.34
N ASN A 313 6.44 -4.28 28.66
CA ASN A 313 7.59 -4.40 27.77
C ASN A 313 7.33 -5.31 26.59
N THR A 314 6.06 -5.53 26.23
CA THR A 314 5.71 -6.44 25.16
C THR A 314 4.91 -5.72 24.08
N ILE A 315 4.98 -6.29 22.89
CA ILE A 315 4.22 -5.85 21.73
C ILE A 315 3.21 -6.93 21.39
N ARG A 316 2.00 -6.54 21.04
CA ARG A 316 0.96 -7.49 20.72
C ARG A 316 0.33 -7.16 19.38
N LEU A 317 0.12 -8.21 18.57
CA LEU A 317 -0.47 -8.13 17.25
C LEU A 317 -1.78 -8.92 17.28
N TRP A 318 -2.88 -8.24 16.97
CA TRP A 318 -4.23 -8.77 17.03
C TRP A 318 -4.92 -8.64 15.67
N ASP A 319 -5.94 -9.47 15.48
CA ASP A 319 -6.87 -9.32 14.37
C ASP A 319 -8.08 -8.51 14.83
N ILE A 320 -8.45 -7.49 14.06
CA ILE A 320 -9.49 -6.56 14.48
C ILE A 320 -10.87 -7.22 14.50
N GLU A 321 -11.08 -8.27 13.72
CA GLU A 321 -12.42 -8.83 13.55
C GLU A 321 -12.76 -9.87 14.61
N CYS A 322 -11.82 -10.78 14.92
CA CYS A 322 -12.07 -11.82 15.91
C CYS A 322 -11.48 -11.50 17.27
N GLY A 323 -10.68 -10.43 17.38
CA GLY A 323 -10.13 -10.03 18.66
C GLY A 323 -9.05 -10.93 19.21
N ALA A 324 -8.59 -11.93 18.45
CA ALA A 324 -7.54 -12.81 18.91
C ALA A 324 -6.19 -12.11 18.84
N CYS A 325 -5.31 -12.48 19.75
CA CYS A 325 -3.92 -12.01 19.74
C CYS A 325 -3.12 -12.91 18.81
N LEU A 326 -2.67 -12.35 17.69
CA LEU A 326 -1.95 -13.15 16.71
C LEU A 326 -0.49 -13.38 17.12
N ARG A 327 0.11 -12.43 17.82
CA ARG A 327 1.53 -12.61 18.18
C ARG A 327 1.88 -11.75 19.39
N VAL A 328 2.74 -12.28 20.24
CA VAL A 328 3.34 -11.54 21.35
C VAL A 328 4.84 -11.46 21.11
N LEU A 329 5.36 -10.23 21.09
CA LEU A 329 6.78 -9.95 20.89
C LEU A 329 7.38 -9.49 22.20
N GLU A 330 8.36 -10.25 22.69
CA GLU A 330 9.15 -9.88 23.86
C GLU A 330 10.57 -9.52 23.42
N GLY A 331 11.15 -8.51 24.05
CA GLY A 331 12.49 -8.10 23.70
C GLY A 331 12.91 -6.79 24.31
N HIS A 332 11.99 -5.82 24.36
CA HIS A 332 12.29 -4.53 24.96
C HIS A 332 12.53 -4.70 26.45
N GLU A 333 13.60 -4.08 26.96
CA GLU A 333 13.90 -4.09 28.38
C GLU A 333 13.21 -2.96 29.14
N GLU A 334 12.32 -2.22 28.48
CA GLU A 334 11.61 -1.12 29.11
C GLU A 334 10.26 -0.96 28.44
N LEU A 335 9.54 0.09 28.84
CA LEU A 335 8.20 0.35 28.32
C LEU A 335 8.26 0.68 26.83
N VAL A 336 7.33 0.09 26.07
CA VAL A 336 7.25 0.33 24.63
C VAL A 336 6.39 1.57 24.44
N ARG A 337 7.05 2.72 24.20
CA ARG A 337 6.37 4.00 24.23
C ARG A 337 5.73 4.35 22.88
N CYS A 338 6.36 3.96 21.77
CA CYS A 338 5.83 4.25 20.45
C CYS A 338 6.07 3.05 19.54
N ILE A 339 5.15 2.84 18.59
CA ILE A 339 5.24 1.69 17.70
C ILE A 339 4.57 2.03 16.37
N ARG A 340 5.17 1.55 15.29
CA ARG A 340 4.65 1.74 13.94
C ARG A 340 4.99 0.52 13.11
N PHE A 341 4.22 0.31 12.04
CA PHE A 341 4.51 -0.79 11.12
C PHE A 341 4.13 -0.39 9.71
N ASP A 342 4.72 -1.08 8.74
CA ASP A 342 4.33 -0.95 7.34
C ASP A 342 3.94 -2.32 6.81
N ASN A 343 4.18 -2.58 5.54
CA ASN A 343 3.84 -3.86 4.94
C ASN A 343 4.92 -4.92 5.11
N LYS A 344 5.98 -4.63 5.86
CA LYS A 344 7.10 -5.56 5.95
C LYS A 344 7.67 -5.70 7.35
N ARG A 345 7.76 -4.60 8.10
CA ARG A 345 8.47 -4.63 9.37
C ARG A 345 7.81 -3.70 10.37
N ILE A 346 8.07 -3.98 11.66
CA ILE A 346 7.59 -3.18 12.77
C ILE A 346 8.77 -2.44 13.37
N VAL A 347 8.60 -1.15 13.64
CA VAL A 347 9.61 -0.34 14.33
C VAL A 347 9.00 0.17 15.62
N SER A 348 9.68 -0.09 16.73
CA SER A 348 9.18 0.28 18.05
C SER A 348 10.28 1.00 18.83
N GLY A 349 9.87 1.86 19.74
CA GLY A 349 10.81 2.59 20.57
C GLY A 349 10.46 2.42 22.04
N ALA A 350 11.50 2.27 22.86
CA ALA A 350 11.33 2.01 24.28
C ALA A 350 11.74 3.22 25.12
N TYR A 351 11.37 3.16 26.40
CA TYR A 351 11.73 4.22 27.34
C TYR A 351 13.24 4.30 27.56
N ASP A 352 13.97 3.23 27.30
CA ASP A 352 15.40 3.18 27.52
C ASP A 352 16.19 3.74 26.33
N GLY A 353 15.53 4.40 25.39
CA GLY A 353 16.20 4.98 24.24
C GLY A 353 16.40 4.04 23.08
N LYS A 354 16.22 2.75 23.27
CA LYS A 354 16.44 1.79 22.20
C LYS A 354 15.26 1.74 21.24
N ILE A 355 15.56 1.35 20.00
CA ILE A 355 14.55 1.12 18.98
C ILE A 355 14.76 -0.29 18.45
N LYS A 356 13.67 -1.00 18.22
CA LYS A 356 13.72 -2.37 17.76
C LYS A 356 12.97 -2.51 16.44
N VAL A 357 13.60 -3.19 15.49
CA VAL A 357 13.01 -3.49 14.19
C VAL A 357 12.75 -4.99 14.13
N TRP A 358 11.48 -5.35 13.95
CA TRP A 358 11.00 -6.72 13.92
C TRP A 358 10.48 -7.05 12.53
N ASP A 359 10.53 -8.34 12.17
CA ASP A 359 10.00 -8.83 10.91
C ASP A 359 8.50 -9.06 11.06
N LEU A 360 7.69 -8.29 10.34
CA LEU A 360 6.24 -8.41 10.47
C LEU A 360 5.73 -9.69 9.84
N VAL A 361 6.27 -10.08 8.68
CA VAL A 361 5.82 -11.29 8.01
C VAL A 361 6.15 -12.52 8.84
N ALA A 362 7.34 -12.54 9.46
CA ALA A 362 7.68 -13.66 10.33
C ALA A 362 6.82 -13.69 11.58
N ALA A 363 6.52 -12.50 12.15
CA ALA A 363 5.68 -12.44 13.34
C ALA A 363 4.28 -12.94 13.04
N LEU A 364 3.72 -12.57 11.89
CA LEU A 364 2.40 -13.05 11.50
C LEU A 364 2.40 -14.52 11.13
N ASP A 365 3.58 -15.10 10.86
CA ASP A 365 3.69 -16.53 10.60
C ASP A 365 3.81 -17.25 11.94
N PRO A 366 2.82 -18.06 12.33
CA PRO A 366 2.90 -18.74 13.63
C PRO A 366 3.95 -19.82 13.71
N ARG A 367 4.69 -20.08 12.64
CA ARG A 367 5.73 -21.11 12.63
C ARG A 367 7.12 -20.55 12.92
N ALA A 368 7.29 -19.23 12.93
CA ALA A 368 8.60 -18.65 13.17
C ALA A 368 8.91 -18.62 14.67
N PRO A 369 10.13 -18.98 15.06
CA PRO A 369 10.49 -18.92 16.48
C PRO A 369 10.54 -17.48 16.97
N ALA A 370 10.33 -17.32 18.29
CA ALA A 370 10.29 -15.98 18.87
C ALA A 370 11.65 -15.31 18.82
N GLY A 371 12.73 -16.08 18.98
CA GLY A 371 14.05 -15.48 19.03
C GLY A 371 14.47 -14.83 17.73
N THR A 372 13.95 -15.31 16.60
CA THR A 372 14.28 -14.76 15.30
C THR A 372 13.41 -13.58 14.92
N LEU A 373 12.44 -13.20 15.76
CA LEU A 373 11.48 -12.18 15.37
C LEU A 373 12.09 -10.78 15.40
N CYS A 374 12.84 -10.46 16.44
CA CYS A 374 13.52 -9.17 16.51
C CYS A 374 14.71 -9.17 15.56
N LEU A 375 14.68 -8.31 14.56
CA LEU A 375 15.73 -8.26 13.56
C LEU A 375 16.90 -7.39 14.00
N ARG A 376 16.62 -6.18 14.49
CA ARG A 376 17.70 -5.26 14.83
C ARG A 376 17.35 -4.43 16.05
N THR A 377 18.39 -3.99 16.75
CA THR A 377 18.26 -3.06 17.88
C THR A 377 19.20 -1.88 17.63
N LEU A 378 18.62 -0.70 17.46
CA LEU A 378 19.35 0.53 17.21
C LEU A 378 19.38 1.37 18.47
N VAL A 379 20.57 1.84 18.84
CA VAL A 379 20.79 2.58 20.09
C VAL A 379 21.55 3.86 19.74
N GLU A 380 20.82 4.96 19.57
CA GLU A 380 21.45 6.27 19.42
C GLU A 380 20.72 7.35 20.22
N HIS A 381 19.74 6.98 21.03
CA HIS A 381 19.01 7.94 21.87
C HIS A 381 19.44 7.77 23.32
N SER A 382 19.63 8.90 24.00
CA SER A 382 19.99 8.93 25.41
C SER A 382 18.78 9.14 26.31
N GLY A 383 17.57 9.23 25.75
CA GLY A 383 16.37 9.43 26.53
C GLY A 383 15.21 8.63 25.96
N ARG A 384 14.04 8.81 26.57
CA ARG A 384 12.87 8.04 26.20
C ARG A 384 12.43 8.35 24.77
N VAL A 385 12.31 7.31 23.95
CA VAL A 385 11.83 7.45 22.58
C VAL A 385 10.32 7.65 22.62
N PHE A 386 9.86 8.86 22.31
CA PHE A 386 8.45 9.20 22.43
C PHE A 386 7.65 8.90 21.17
N ARG A 387 8.24 9.10 20.00
CA ARG A 387 7.50 8.99 18.74
C ARG A 387 8.47 8.61 17.63
N LEU A 388 7.98 7.84 16.66
CA LEU A 388 8.77 7.47 15.51
C LEU A 388 7.87 7.30 14.29
N GLN A 389 8.46 7.49 13.12
CA GLN A 389 7.79 7.26 11.85
C GLN A 389 8.84 6.86 10.84
N PHE A 390 8.51 5.89 9.99
CA PHE A 390 9.49 5.33 9.06
C PHE A 390 8.80 4.98 7.74
N ASP A 391 9.59 4.46 6.81
CA ASP A 391 9.09 3.98 5.53
C ASP A 391 10.00 2.87 5.00
N GLU A 392 10.12 2.77 3.67
CA GLU A 392 10.95 1.71 3.10
C GLU A 392 12.43 2.00 3.29
N PHE A 393 12.81 3.27 3.44
CA PHE A 393 14.22 3.67 3.42
C PHE A 393 14.74 4.16 4.74
N GLN A 394 13.95 4.94 5.49
CA GLN A 394 14.49 5.66 6.64
C GLN A 394 13.52 5.64 7.81
N ILE A 395 14.07 5.82 9.00
CA ILE A 395 13.31 6.01 10.23
C ILE A 395 13.53 7.43 10.72
N VAL A 396 12.48 8.05 11.26
CA VAL A 396 12.57 9.36 11.88
C VAL A 396 11.96 9.26 13.27
N SER A 397 12.78 9.52 14.28
CA SER A 397 12.36 9.38 15.68
C SER A 397 12.74 10.63 16.46
N SER A 398 11.96 10.89 17.51
CA SER A 398 12.23 11.97 18.45
C SER A 398 12.11 11.44 19.87
N SER A 399 12.96 11.94 20.76
CA SER A 399 13.06 11.37 22.10
C SER A 399 13.04 12.47 23.15
N HIS A 400 13.00 12.03 24.42
CA HIS A 400 13.04 12.95 25.55
C HIS A 400 14.36 13.71 25.62
N ASP A 401 15.41 13.20 24.99
CA ASP A 401 16.71 13.87 24.98
C ASP A 401 16.74 15.10 24.09
N ASP A 402 15.59 15.59 23.63
CA ASP A 402 15.45 16.81 22.84
C ASP A 402 16.11 16.71 21.47
N THR A 403 16.26 15.49 20.95
CA THR A 403 16.87 15.29 19.64
C THR A 403 15.89 14.58 18.71
N ILE A 404 16.08 14.81 17.40
CA ILE A 404 15.33 14.11 16.36
C ILE A 404 16.35 13.42 15.47
N LEU A 405 16.24 12.10 15.37
CA LEU A 405 17.19 11.28 14.62
C LEU A 405 16.57 10.83 13.31
N ILE A 406 17.39 10.86 12.24
CA ILE A 406 17.00 10.34 10.94
C ILE A 406 17.93 9.19 10.62
N TRP A 407 17.41 7.96 10.68
CA TRP A 407 18.17 6.76 10.36
C TRP A 407 17.90 6.42 8.90
N ASP A 408 18.90 6.62 8.04
CA ASP A 408 18.75 6.33 6.62
C ASP A 408 19.48 5.02 6.31
N PHE A 409 18.72 4.04 5.81
CA PHE A 409 19.29 2.75 5.42
C PHE A 409 19.62 2.67 3.95
N LEU A 410 19.09 3.59 3.14
CA LEU A 410 19.54 3.72 1.76
C LEU A 410 20.97 4.27 1.74
N ASN A 411 21.78 3.74 0.83
CA ASN A 411 23.17 4.18 0.71
C ASN A 411 23.60 4.26 -0.76
N PRO B 1 -35.98 -5.01 -23.72
CA PRO B 1 -36.11 -5.39 -25.14
C PRO B 1 -34.97 -6.27 -25.63
N SER B 2 -35.18 -6.97 -26.74
CA SER B 2 -34.19 -7.88 -27.30
C SER B 2 -33.77 -7.40 -28.68
N ILE B 3 -32.51 -7.68 -29.02
CA ILE B 3 -31.92 -7.32 -30.30
C ILE B 3 -31.39 -8.58 -30.96
N LYS B 4 -31.43 -8.60 -32.29
CA LYS B 4 -30.96 -9.73 -33.08
C LYS B 4 -29.53 -9.46 -33.55
N LEU B 5 -28.62 -10.37 -33.20
CA LEU B 5 -27.23 -10.33 -33.66
C LEU B 5 -27.05 -11.35 -34.77
N GLN B 6 -26.39 -10.94 -35.85
CA GLN B 6 -26.19 -11.78 -37.02
C GLN B 6 -24.73 -12.18 -37.13
N SER B 7 -24.47 -13.48 -37.08
CA SER B 7 -23.10 -13.98 -37.17
C SER B 7 -22.65 -14.03 -38.64
N SER B 8 -21.36 -14.31 -38.83
CA SER B 8 -20.81 -14.38 -40.19
C SER B 8 -21.40 -15.55 -40.97
N ASP B 9 -21.84 -16.61 -40.28
CA ASP B 9 -22.47 -17.72 -40.96
C ASP B 9 -23.86 -17.36 -41.46
N GLY B 10 -24.55 -16.47 -40.78
CA GLY B 10 -25.93 -16.14 -41.06
C GLY B 10 -26.87 -16.46 -39.92
N GLU B 11 -26.43 -17.25 -38.94
CA GLU B 11 -27.27 -17.58 -37.79
C GLU B 11 -27.56 -16.33 -36.96
N ILE B 12 -28.78 -16.24 -36.44
CA ILE B 12 -29.25 -15.06 -35.72
C ILE B 12 -29.50 -15.43 -34.27
N PHE B 13 -29.08 -14.56 -33.35
CA PHE B 13 -29.22 -14.77 -31.92
C PHE B 13 -30.02 -13.62 -31.33
N GLU B 14 -31.08 -13.96 -30.57
CA GLU B 14 -31.88 -12.96 -29.87
C GLU B 14 -31.29 -12.77 -28.47
N VAL B 15 -30.71 -11.60 -28.22
CA VAL B 15 -30.03 -11.30 -26.97
C VAL B 15 -30.62 -10.04 -26.37
N ASP B 16 -30.80 -10.02 -25.06
CA ASP B 16 -31.29 -8.83 -24.38
C ASP B 16 -30.38 -7.64 -24.67
N VAL B 17 -30.99 -6.46 -24.82
CA VAL B 17 -30.24 -5.27 -25.19
C VAL B 17 -29.21 -4.91 -24.12
N GLU B 18 -29.50 -5.21 -22.85
CA GLU B 18 -28.54 -4.93 -21.79
C GLU B 18 -27.32 -5.83 -21.92
N ILE B 19 -27.52 -7.10 -22.33
CA ILE B 19 -26.39 -8.00 -22.52
C ILE B 19 -25.61 -7.65 -23.77
N ALA B 20 -26.32 -7.28 -24.84
CA ALA B 20 -25.65 -6.90 -26.08
C ALA B 20 -24.85 -5.60 -25.91
N LYS B 21 -25.34 -4.68 -25.09
CA LYS B 21 -24.62 -3.44 -24.84
C LYS B 21 -23.31 -3.65 -24.10
N GLN B 22 -23.08 -4.85 -23.54
CA GLN B 22 -21.81 -5.15 -22.90
C GLN B 22 -20.67 -5.10 -23.91
N SER B 23 -20.97 -5.37 -25.19
CA SER B 23 -20.01 -5.15 -26.26
C SER B 23 -20.09 -3.70 -26.69
N VAL B 24 -18.97 -2.98 -26.57
CA VAL B 24 -18.94 -1.56 -26.96
C VAL B 24 -19.22 -1.41 -28.45
N THR B 25 -18.75 -2.36 -29.25
CA THR B 25 -18.97 -2.30 -30.69
C THR B 25 -20.45 -2.43 -31.04
N ILE B 26 -21.12 -3.44 -30.47
CA ILE B 26 -22.54 -3.63 -30.74
C ILE B 26 -23.35 -2.46 -30.20
N LYS B 27 -22.94 -1.91 -29.05
CA LYS B 27 -23.61 -0.74 -28.49
C LYS B 27 -23.47 0.47 -29.42
N THR B 28 -22.29 0.65 -30.01
CA THR B 28 -22.10 1.75 -30.95
C THR B 28 -22.96 1.56 -32.20
N MET B 29 -23.01 0.31 -32.69
CA MET B 29 -23.81 0.05 -33.89
C MET B 29 -25.30 0.21 -33.62
N LEU B 30 -25.73 -0.02 -32.38
CA LEU B 30 -27.15 0.15 -32.04
C LEU B 30 -27.50 1.61 -31.80
N GLU B 31 -26.66 2.33 -31.06
CA GLU B 31 -27.01 3.69 -30.65
C GLU B 31 -26.64 4.72 -31.72
N ASP B 32 -25.37 4.71 -32.14
CA ASP B 32 -24.91 5.73 -33.08
C ASP B 32 -25.31 5.42 -34.51
N LEU B 33 -25.37 4.14 -34.89
CA LEU B 33 -25.70 3.76 -36.26
C LEU B 33 -27.14 3.33 -36.43
N GLY B 34 -27.82 2.92 -35.37
CA GLY B 34 -29.20 2.48 -35.46
C GLY B 34 -29.40 1.31 -36.40
N MET B 35 -28.74 0.19 -36.10
CA MET B 35 -28.75 -0.99 -36.96
C MET B 35 -29.49 -2.12 -36.27
N ASP B 36 -30.49 -2.68 -36.97
CA ASP B 36 -31.15 -3.89 -36.52
C ASP B 36 -31.53 -4.74 -37.73
N PRO B 37 -31.01 -5.97 -37.84
CA PRO B 37 -30.13 -6.60 -36.84
C PRO B 37 -28.69 -6.10 -36.89
N VAL B 38 -27.86 -6.58 -35.98
CA VAL B 38 -26.46 -6.17 -35.88
C VAL B 38 -25.62 -7.22 -36.61
N PRO B 39 -25.06 -6.91 -37.77
CA PRO B 39 -24.21 -7.88 -38.46
C PRO B 39 -22.83 -7.96 -37.83
N LEU B 40 -22.31 -9.18 -37.72
CA LEU B 40 -20.99 -9.45 -37.17
C LEU B 40 -20.23 -10.35 -38.14
N PRO B 41 -19.73 -9.79 -39.24
CA PRO B 41 -19.05 -10.62 -40.25
C PRO B 41 -17.72 -11.22 -39.77
N ASN B 42 -17.23 -10.82 -38.60
CA ASN B 42 -15.95 -11.32 -38.09
C ASN B 42 -16.10 -12.32 -36.97
N VAL B 43 -17.34 -12.70 -36.61
CA VAL B 43 -17.58 -13.68 -35.55
C VAL B 43 -18.55 -14.71 -36.09
N ASN B 44 -18.15 -15.98 -36.09
CA ASN B 44 -19.02 -17.05 -36.54
C ASN B 44 -20.04 -17.39 -35.45
N ALA B 45 -20.87 -18.40 -35.72
CA ALA B 45 -21.97 -18.72 -34.81
C ALA B 45 -21.45 -19.30 -33.49
N ALA B 46 -20.46 -20.17 -33.54
CA ALA B 46 -19.99 -20.84 -32.33
C ALA B 46 -19.34 -19.85 -31.37
N ILE B 47 -18.38 -19.06 -31.87
CA ILE B 47 -17.73 -18.06 -31.03
C ILE B 47 -18.74 -17.04 -30.53
N LEU B 48 -19.73 -16.70 -31.37
CA LEU B 48 -20.74 -15.74 -30.95
C LEU B 48 -21.57 -16.29 -29.80
N LYS B 49 -21.98 -17.56 -29.88
CA LYS B 49 -22.73 -18.15 -28.78
C LYS B 49 -21.89 -18.23 -27.51
N LYS B 50 -20.61 -18.56 -27.65
CA LYS B 50 -19.71 -18.59 -26.50
C LYS B 50 -19.63 -17.21 -25.83
N VAL B 51 -19.47 -16.17 -26.65
CA VAL B 51 -19.35 -14.82 -26.11
C VAL B 51 -20.67 -14.36 -25.48
N ILE B 52 -21.80 -14.75 -26.08
CA ILE B 52 -23.09 -14.40 -25.51
C ILE B 52 -23.27 -15.07 -24.15
N GLN B 53 -22.83 -16.33 -24.03
CA GLN B 53 -22.86 -17.01 -22.74
C GLN B 53 -22.01 -16.27 -21.72
N TRP B 54 -20.78 -15.89 -22.11
CA TRP B 54 -19.90 -15.19 -21.18
C TRP B 54 -20.50 -13.86 -20.74
N CYS B 55 -21.11 -13.12 -21.67
CA CYS B 55 -21.71 -11.83 -21.32
C CYS B 55 -22.93 -11.99 -20.43
N THR B 56 -23.74 -13.02 -20.70
CA THR B 56 -24.89 -13.29 -19.84
C THR B 56 -24.44 -13.63 -18.43
N HIS B 57 -23.35 -14.39 -18.30
CA HIS B 57 -22.86 -14.72 -16.97
C HIS B 57 -22.28 -13.51 -16.24
N HIS B 58 -21.81 -12.49 -16.96
CA HIS B 58 -21.21 -11.33 -16.33
C HIS B 58 -22.04 -10.07 -16.55
N LYS B 59 -23.34 -10.16 -16.29
CA LYS B 59 -24.23 -9.02 -16.45
C LYS B 59 -23.97 -7.98 -15.37
N ASP B 65 -9.80 -10.02 -11.47
CA ASP B 65 -9.52 -11.41 -11.10
C ASP B 65 -10.12 -12.38 -12.11
N ILE B 66 -9.86 -13.66 -11.92
CA ILE B 66 -10.42 -14.71 -12.78
C ILE B 66 -11.21 -15.68 -11.93
N PRO B 67 -12.54 -15.68 -12.01
CA PRO B 67 -13.34 -16.60 -11.21
C PRO B 67 -13.24 -18.03 -11.74
N VAL B 68 -13.75 -18.96 -10.94
CA VAL B 68 -13.69 -20.37 -11.31
C VAL B 68 -14.59 -20.66 -12.50
N TRP B 69 -15.71 -19.94 -12.63
CA TRP B 69 -16.59 -20.13 -13.78
C TRP B 69 -15.87 -19.76 -15.07
N ASP B 70 -15.10 -18.68 -15.06
CA ASP B 70 -14.33 -18.30 -16.24
C ASP B 70 -13.21 -19.31 -16.52
N GLN B 71 -12.69 -19.95 -15.47
CA GLN B 71 -11.67 -20.97 -15.67
C GLN B 71 -12.25 -22.22 -16.35
N GLU B 72 -13.42 -22.65 -15.90
CA GLU B 72 -14.11 -23.75 -16.56
C GLU B 72 -14.63 -23.35 -17.93
N PHE B 73 -14.84 -22.05 -18.16
CA PHE B 73 -15.34 -21.56 -19.44
C PHE B 73 -14.25 -21.51 -20.49
N LEU B 74 -13.00 -21.29 -20.09
CA LEU B 74 -11.87 -21.25 -21.01
C LEU B 74 -11.13 -22.59 -21.08
N LYS B 75 -11.80 -23.68 -20.72
CA LYS B 75 -11.23 -25.02 -20.85
C LYS B 75 -11.43 -25.54 -22.27
N VAL B 76 -10.92 -24.78 -23.23
CA VAL B 76 -11.06 -25.08 -24.65
C VAL B 76 -9.67 -25.16 -25.26
N ASP B 77 -9.63 -25.55 -26.53
CA ASP B 77 -8.36 -25.64 -27.23
C ASP B 77 -7.79 -24.24 -27.48
N GLN B 78 -6.51 -24.20 -27.84
CA GLN B 78 -5.83 -22.92 -28.03
C GLN B 78 -6.40 -22.16 -29.21
N GLY B 79 -6.83 -22.86 -30.27
CA GLY B 79 -7.46 -22.19 -31.39
C GLY B 79 -8.74 -21.49 -31.00
N THR B 80 -9.56 -22.15 -30.17
CA THR B 80 -10.79 -21.52 -29.69
C THR B 80 -10.47 -20.31 -28.81
N LEU B 81 -9.41 -20.40 -27.99
CA LEU B 81 -9.01 -19.27 -27.17
C LEU B 81 -8.53 -18.10 -28.03
N PHE B 82 -7.81 -18.39 -29.11
CA PHE B 82 -7.37 -17.36 -30.03
C PHE B 82 -8.56 -16.69 -30.72
N GLU B 83 -9.54 -17.50 -31.13
CA GLU B 83 -10.74 -16.94 -31.75
C GLU B 83 -11.53 -16.10 -30.74
N LEU B 84 -11.54 -16.52 -29.47
CA LEU B 84 -12.20 -15.73 -28.44
C LEU B 84 -11.49 -14.40 -28.22
N ILE B 85 -10.15 -14.42 -28.25
CA ILE B 85 -9.40 -13.17 -28.14
C ILE B 85 -9.74 -12.23 -29.30
N LEU B 86 -9.76 -12.78 -30.52
CA LEU B 86 -10.10 -11.98 -31.69
C LEU B 86 -11.51 -11.40 -31.59
N ALA B 87 -12.46 -12.21 -31.12
CA ALA B 87 -13.84 -11.75 -31.02
C ALA B 87 -14.00 -10.69 -29.93
N ALA B 88 -13.30 -10.87 -28.80
CA ALA B 88 -13.36 -9.88 -27.74
C ALA B 88 -12.70 -8.57 -28.16
N ASN B 89 -11.68 -8.64 -29.01
CA ASN B 89 -11.08 -7.42 -29.54
C ASN B 89 -11.99 -6.75 -30.55
N TYR B 90 -12.68 -7.54 -31.38
CA TYR B 90 -13.54 -6.99 -32.40
C TYR B 90 -14.79 -6.36 -31.79
N LEU B 91 -15.34 -6.98 -30.75
CA LEU B 91 -16.55 -6.49 -30.10
C LEU B 91 -16.26 -5.55 -28.95
N ASP B 92 -14.98 -5.32 -28.63
CA ASP B 92 -14.56 -4.41 -27.56
C ASP B 92 -15.21 -4.80 -26.23
N ILE B 93 -14.93 -6.04 -25.81
CA ILE B 93 -15.37 -6.53 -24.51
C ILE B 93 -14.15 -6.62 -23.61
N LYS B 94 -13.91 -5.57 -22.82
CA LYS B 94 -12.68 -5.46 -22.07
C LYS B 94 -12.50 -6.62 -21.08
N GLY B 95 -13.59 -7.04 -20.44
CA GLY B 95 -13.49 -8.12 -19.46
C GLY B 95 -13.06 -9.43 -20.10
N LEU B 96 -13.71 -9.81 -21.19
CA LEU B 96 -13.38 -11.06 -21.86
C LEU B 96 -11.95 -11.03 -22.42
N LEU B 97 -11.59 -9.93 -23.06
CA LEU B 97 -10.23 -9.77 -23.56
C LEU B 97 -9.20 -9.91 -22.45
N ASP B 98 -9.45 -9.24 -21.31
CA ASP B 98 -8.50 -9.28 -20.21
C ASP B 98 -8.39 -10.68 -19.61
N VAL B 99 -9.51 -11.38 -19.44
CA VAL B 99 -9.44 -12.70 -18.82
C VAL B 99 -8.76 -13.69 -19.77
N THR B 100 -9.01 -13.59 -21.08
CA THR B 100 -8.35 -14.50 -22.01
C THR B 100 -6.86 -14.21 -22.09
N CYS B 101 -6.46 -12.95 -22.10
CA CYS B 101 -5.04 -12.61 -22.12
C CYS B 101 -4.36 -13.05 -20.83
N LYS B 102 -5.06 -12.94 -19.69
CA LYS B 102 -4.49 -13.41 -18.43
C LYS B 102 -4.35 -14.93 -18.43
N THR B 103 -5.29 -15.64 -19.05
CA THR B 103 -5.16 -17.08 -19.18
C THR B 103 -3.94 -17.45 -20.02
N VAL B 104 -3.73 -16.76 -21.13
CA VAL B 104 -2.55 -17.00 -21.95
C VAL B 104 -1.27 -16.72 -21.15
N ALA B 105 -1.26 -15.60 -20.41
CA ALA B 105 -0.10 -15.27 -19.60
C ALA B 105 0.18 -16.35 -18.57
N ASN B 106 -0.87 -16.88 -17.92
CA ASN B 106 -0.69 -17.96 -16.96
C ASN B 106 -0.13 -19.20 -17.65
N MET B 107 -0.56 -19.46 -18.89
CA MET B 107 0.04 -20.52 -19.67
C MET B 107 1.51 -20.25 -19.97
N ILE B 108 1.93 -18.98 -19.97
CA ILE B 108 3.32 -18.64 -20.25
C ILE B 108 4.15 -18.61 -18.97
N LYS B 109 3.59 -18.09 -17.89
CA LYS B 109 4.38 -17.79 -16.69
C LYS B 109 4.92 -19.06 -16.05
N GLY B 110 6.08 -18.92 -15.40
CA GLY B 110 6.65 -20.00 -14.63
C GLY B 110 7.16 -21.17 -15.43
N LYS B 111 7.58 -20.94 -16.68
CA LYS B 111 8.04 -22.00 -17.56
C LYS B 111 9.34 -21.61 -18.22
N THR B 112 10.15 -22.62 -18.54
CA THR B 112 11.40 -22.43 -19.26
C THR B 112 11.12 -22.16 -20.74
N PRO B 113 12.09 -21.62 -21.47
CA PRO B 113 11.90 -21.46 -22.93
C PRO B 113 11.51 -22.75 -23.64
N GLU B 114 12.17 -23.85 -23.34
CA GLU B 114 11.82 -25.13 -23.96
C GLU B 114 10.40 -25.54 -23.60
N GLU B 115 10.00 -25.31 -22.34
CA GLU B 115 8.64 -25.65 -21.92
C GLU B 115 7.62 -24.78 -22.61
N ILE B 116 7.90 -23.48 -22.78
CA ILE B 116 6.97 -22.61 -23.51
C ILE B 116 6.85 -23.04 -24.96
N ARG B 117 7.99 -23.42 -25.58
CA ARG B 117 7.95 -23.91 -26.95
C ARG B 117 7.09 -25.16 -27.06
N LYS B 118 7.32 -26.14 -26.18
CA LYS B 118 6.52 -27.35 -26.20
C LYS B 118 5.06 -27.09 -25.87
N THR B 119 4.77 -26.00 -25.16
CA THR B 119 3.39 -25.67 -24.84
C THR B 119 2.67 -25.09 -26.05
N PHE B 120 3.29 -24.12 -26.73
CA PHE B 120 2.64 -23.43 -27.83
C PHE B 120 3.14 -23.90 -29.20
N ASN B 121 3.91 -24.99 -29.25
CA ASN B 121 4.43 -25.56 -30.50
C ASN B 121 5.26 -24.51 -31.26
N ILE B 122 6.38 -24.14 -30.64
CA ILE B 122 7.26 -23.09 -31.13
C ILE B 122 8.61 -23.69 -31.48
N LYS B 123 9.15 -23.30 -32.63
CA LYS B 123 10.49 -23.68 -33.03
C LYS B 123 11.48 -22.61 -32.61
N ASN B 124 12.65 -23.05 -32.15
CA ASN B 124 13.70 -22.13 -31.71
C ASN B 124 14.47 -21.65 -32.93
N ASP B 125 14.12 -20.47 -33.42
CA ASP B 125 14.76 -19.90 -34.61
C ASP B 125 15.98 -19.05 -34.28
N PHE B 126 16.60 -19.26 -33.13
CA PHE B 126 17.76 -18.48 -32.72
C PHE B 126 19.04 -19.14 -33.21
N THR B 127 19.93 -18.31 -33.74
CA THR B 127 21.32 -18.75 -33.92
C THR B 127 21.94 -18.99 -32.55
N GLU B 128 22.84 -19.97 -32.48
CA GLU B 128 23.52 -20.25 -31.22
C GLU B 128 24.19 -18.99 -30.67
N GLU B 129 24.80 -18.20 -31.56
CA GLU B 129 25.34 -16.91 -31.15
C GLU B 129 24.23 -15.97 -30.68
N GLU B 130 23.11 -15.93 -31.42
CA GLU B 130 22.00 -15.07 -31.03
C GLU B 130 21.44 -15.48 -29.67
N GLU B 131 21.21 -16.78 -29.46
CA GLU B 131 20.67 -17.25 -28.19
C GLU B 131 21.65 -16.99 -27.05
N ALA B 132 22.95 -17.19 -27.30
CA ALA B 132 23.94 -16.91 -26.26
C ALA B 132 23.96 -15.43 -25.90
N GLN B 133 23.83 -14.56 -26.91
CA GLN B 133 23.84 -13.12 -26.65
C GLN B 133 22.60 -12.68 -25.88
N VAL B 134 21.44 -13.27 -26.21
CA VAL B 134 20.22 -12.91 -25.50
C VAL B 134 20.27 -13.44 -24.06
N ARG B 135 20.83 -14.63 -23.87
CA ARG B 135 20.95 -15.18 -22.52
C ARG B 135 21.94 -14.39 -21.68
N LYS B 136 23.02 -13.89 -22.29
CA LYS B 136 24.01 -13.12 -21.56
C LYS B 136 23.45 -11.81 -21.03
N GLU B 137 22.37 -11.30 -21.63
CA GLU B 137 21.73 -10.08 -21.17
C GLU B 137 20.58 -10.34 -20.21
N ASN B 138 20.54 -11.51 -19.59
CA ASN B 138 19.51 -11.83 -18.61
C ASN B 138 20.13 -12.26 -17.28
N TYR C 15 7.10 9.53 37.17
CA TYR C 15 8.00 8.58 36.52
C TYR C 15 7.51 8.25 35.12
N LEU C 16 6.54 9.02 34.63
CA LEU C 16 6.03 8.89 33.29
C LEU C 16 6.02 10.26 32.61
N ASP C 17 6.15 10.25 31.28
CA ASP C 17 6.06 11.49 30.53
C ASP C 17 4.60 11.94 30.47
N GLY C 19 2.78 12.31 28.04
CA GLY C 19 2.09 11.73 26.90
C GLY C 19 1.23 10.53 27.22
N ILE C 20 1.56 9.82 28.31
CA ILE C 20 0.83 8.62 28.71
C ILE C 20 0.59 8.67 30.22
N HIS C 21 -0.32 7.79 30.67
CA HIS C 21 -0.70 7.74 32.07
C HIS C 21 -1.31 6.37 32.35
N SER C 22 -1.35 6.02 33.64
CA SER C 22 -1.85 4.72 34.07
C SER C 22 -2.79 4.88 35.26
N GLY C 23 -3.80 4.01 35.31
CA GLY C 23 -4.73 3.98 36.43
C GLY C 23 -5.54 5.26 36.58
#